data_3WVB
#
_entry.id   3WVB
#
_cell.length_a   45.310
_cell.length_b   73.110
_cell.length_c   45.530
_cell.angle_alpha   90.000
_cell.angle_beta   102.220
_cell.angle_gamma   90.000
#
_symmetry.space_group_name_H-M   'P 1 21 1'
#
loop_
_entity.id
_entity.type
_entity.pdbx_description
1 polymer 'UPF0254 protein MJ1251'
2 water water
#
_entity_poly.entity_id   1
_entity_poly.type   'polypeptide(L)'
_entity_poly.pdbx_seq_one_letter_code
;GSHMITVATAECFTHANIGLTIHKAAAGYEDFEFKYLFSEEDLKLMKNVRVISAMFVPSIIGVEKLLDIKLPEPDFNYKY
AKAYSEEKDLEVAKLMAEGLKKKLNVNISIGSTAGVGRGAICILTDNNRYLFTSDVYANLITFENIKERQKNGIEKGIKR
FLEILKKEYF
;
_entity_poly.pdbx_strand_id   A,B
#
# COMPACT_ATOMS: atom_id res chain seq x y z
N MET A 4 -11.83 17.90 -4.68
CA MET A 4 -10.49 17.92 -4.09
C MET A 4 -9.51 17.54 -5.15
N ILE A 5 -8.23 17.69 -4.84
CA ILE A 5 -7.19 17.21 -5.75
C ILE A 5 -6.97 15.74 -5.42
N THR A 6 -7.20 14.84 -6.38
CA THR A 6 -7.11 13.44 -6.02
C THR A 6 -5.73 12.88 -6.44
N VAL A 7 -5.22 11.97 -5.61
CA VAL A 7 -3.89 11.38 -5.86
C VAL A 7 -4.00 9.88 -5.78
N ALA A 8 -3.27 9.15 -6.61
CA ALA A 8 -3.13 7.69 -6.42
C ALA A 8 -1.66 7.36 -6.69
N THR A 9 -1.21 6.28 -6.05
CA THR A 9 0.18 5.84 -6.29
C THR A 9 0.29 4.34 -6.47
N ALA A 10 1.30 3.95 -7.24
CA ALA A 10 1.59 2.57 -7.46
C ALA A 10 3.10 2.50 -7.27
N GLU A 11 3.45 1.90 -6.17
CA GLU A 11 4.84 2.04 -5.65
C GLU A 11 5.47 0.70 -5.39
N CYS A 12 6.75 0.60 -5.69
CA CYS A 12 7.47 -0.63 -5.41
C CYS A 12 8.54 -0.33 -4.31
N PHE A 13 9.69 0.22 -4.69
CA PHE A 13 10.72 0.38 -3.69
C PHE A 13 10.41 1.29 -2.50
N THR A 14 9.48 2.20 -2.73
CA THR A 14 9.13 3.17 -1.68
C THR A 14 7.93 2.62 -0.82
N HIS A 15 7.52 1.37 -1.07
CA HIS A 15 6.60 0.62 -0.21
C HIS A 15 5.33 1.39 0.12
N ALA A 16 4.81 2.11 -0.86
CA ALA A 16 3.51 2.87 -0.72
C ALA A 16 3.58 4.02 0.24
N ASN A 17 4.81 4.29 0.71
CA ASN A 17 4.98 5.40 1.63
C ASN A 17 4.86 6.80 1.07
N ILE A 18 5.08 7.02 -0.24
CA ILE A 18 4.79 8.33 -0.77
C ILE A 18 3.31 8.59 -0.63
N GLY A 19 2.48 7.61 -1.08
CA GLY A 19 0.97 7.80 -1.01
C GLY A 19 0.51 7.86 0.44
N LEU A 20 1.10 7.06 1.31
CA LEU A 20 0.61 6.98 2.73
C LEU A 20 0.95 8.32 3.40
N THR A 21 2.16 8.87 3.10
CA THR A 21 2.55 10.14 3.68
C THR A 21 1.60 11.26 3.21
N ILE A 22 1.27 11.26 1.88
CA ILE A 22 0.38 12.27 1.33
C ILE A 22 -0.97 12.15 2.06
N HIS A 23 -1.42 10.93 2.27
CA HIS A 23 -2.67 10.73 2.96
C HIS A 23 -2.63 11.29 4.42
N LYS A 24 -1.61 10.91 5.18
CA LYS A 24 -1.55 11.38 6.58
C LYS A 24 -1.42 12.87 6.66
N ALA A 25 -0.62 13.44 5.75
CA ALA A 25 -0.53 14.92 5.76
C ALA A 25 -1.92 15.52 5.49
N ALA A 26 -2.57 15.11 4.42
CA ALA A 26 -3.91 15.65 4.04
C ALA A 26 -4.93 15.50 5.13
N ALA A 27 -4.91 14.36 5.80
CA ALA A 27 -5.95 14.07 6.80
C ALA A 27 -5.63 14.75 8.12
N GLY A 28 -4.47 15.39 8.23
CA GLY A 28 -4.24 16.14 9.46
C GLY A 28 -3.61 15.38 10.59
N TYR A 29 -2.89 14.31 10.29
CA TYR A 29 -2.20 13.54 11.35
C TYR A 29 -1.20 14.51 11.96
N GLU A 30 -1.14 14.49 13.30
CA GLU A 30 -0.10 15.34 13.95
C GLU A 30 1.29 14.68 14.07
N ASP A 31 1.39 13.36 13.85
CA ASP A 31 2.72 12.71 13.88
C ASP A 31 2.78 11.65 12.76
N PHE A 32 3.77 11.75 11.86
CA PHE A 32 3.99 10.68 10.92
C PHE A 32 5.43 10.80 10.44
N GLU A 33 5.94 9.67 9.95
CA GLU A 33 7.37 9.54 9.67
C GLU A 33 7.96 10.67 8.84
N PHE A 34 7.26 11.10 7.81
CA PHE A 34 7.91 12.15 6.93
C PHE A 34 7.27 13.53 7.06
N LYS A 35 6.61 13.73 8.21
CA LYS A 35 5.99 15.07 8.49
C LYS A 35 7.01 16.23 8.43
N TYR A 36 8.26 15.93 8.81
CA TYR A 36 9.30 16.94 8.83
C TYR A 36 9.55 17.60 7.46
N LEU A 37 9.11 16.98 6.38
CA LEU A 37 9.26 17.56 5.04
C LEU A 37 8.23 18.67 4.74
N PHE A 38 7.19 18.76 5.55
CA PHE A 38 6.10 19.72 5.34
C PHE A 38 6.11 20.92 6.26
N SER A 39 5.95 22.11 5.69
CA SER A 39 5.72 23.30 6.55
C SER A 39 4.26 23.39 6.97
N GLU A 40 3.92 24.24 7.99
CA GLU A 40 2.52 24.32 8.39
C GLU A 40 1.71 24.86 7.21
N GLU A 41 2.32 25.71 6.39
CA GLU A 41 1.60 26.21 5.17
C GLU A 41 1.35 25.08 4.20
N ASP A 42 2.35 24.23 3.97
CA ASP A 42 2.23 23.05 3.09
C ASP A 42 1.09 22.18 3.65
N LEU A 43 1.05 21.98 4.97
CA LEU A 43 -0.04 21.18 5.55
C LEU A 43 -1.41 21.77 5.36
N LYS A 44 -1.55 23.12 5.33
CA LYS A 44 -2.87 23.66 4.95
C LYS A 44 -3.18 23.40 3.50
N LEU A 45 -2.21 23.49 2.60
CA LEU A 45 -2.52 23.19 1.23
C LEU A 45 -2.96 21.69 1.06
N MET A 46 -2.33 20.84 1.85
CA MET A 46 -2.57 19.40 1.72
C MET A 46 -3.95 18.97 2.17
N LYS A 47 -4.64 19.82 2.93
CA LYS A 47 -6.02 19.45 3.36
C LYS A 47 -6.92 19.38 2.12
N ASN A 48 -6.48 19.96 1.00
CA ASN A 48 -7.28 19.93 -0.25
C ASN A 48 -6.96 18.79 -1.16
N VAL A 49 -6.17 17.85 -0.64
CA VAL A 49 -5.79 16.62 -1.38
C VAL A 49 -6.49 15.40 -0.77
N ARG A 50 -6.94 14.43 -1.58
CA ARG A 50 -7.49 13.19 -1.07
C ARG A 50 -6.70 12.09 -1.80
N VAL A 51 -6.27 11.07 -1.05
CA VAL A 51 -5.71 9.87 -1.67
C VAL A 51 -6.78 8.84 -2.02
N ILE A 52 -6.82 8.38 -3.29
CA ILE A 52 -7.78 7.40 -3.73
C ILE A 52 -7.22 5.98 -3.39
N SER A 53 -5.96 5.74 -3.71
CA SER A 53 -5.27 4.48 -3.36
CA SER A 53 -5.30 4.48 -3.35
C SER A 53 -3.81 4.69 -3.37
N ALA A 54 -3.11 3.92 -2.55
CA ALA A 54 -1.61 3.96 -2.57
C ALA A 54 -1.25 2.49 -2.58
N MET A 55 -0.74 1.94 -3.68
CA MET A 55 -0.53 0.48 -3.82
C MET A 55 0.91 0.09 -3.77
N PHE A 56 1.26 -1.00 -3.08
CA PHE A 56 2.59 -1.57 -3.20
C PHE A 56 2.39 -2.79 -4.13
N VAL A 57 3.10 -2.74 -5.27
CA VAL A 57 2.83 -3.64 -6.38
C VAL A 57 4.10 -4.34 -6.90
N PRO A 58 4.67 -5.19 -6.07
CA PRO A 58 5.98 -5.78 -6.45
C PRO A 58 5.89 -6.80 -7.60
N SER A 59 4.71 -7.29 -7.91
CA SER A 59 4.49 -8.38 -8.87
C SER A 59 4.19 -7.79 -10.22
N ILE A 60 4.75 -8.35 -11.30
CA ILE A 60 4.30 -7.93 -12.62
C ILE A 60 2.85 -8.30 -12.81
N ILE A 61 2.48 -9.50 -12.38
CA ILE A 61 1.15 -9.94 -12.67
C ILE A 61 0.14 -9.10 -11.86
N GLY A 62 0.51 -8.65 -10.65
CA GLY A 62 -0.27 -7.75 -9.83
C GLY A 62 -0.54 -6.40 -10.52
N VAL A 63 0.55 -5.78 -10.97
CA VAL A 63 0.50 -4.43 -11.62
C VAL A 63 -0.38 -4.61 -12.87
N GLU A 64 -0.15 -5.70 -13.63
CA GLU A 64 -0.79 -5.83 -14.94
C GLU A 64 -2.28 -6.03 -14.79
N LYS A 65 -2.67 -6.86 -13.80
CA LYS A 65 -4.05 -7.15 -13.49
C LYS A 65 -4.79 -5.97 -12.85
N LEU A 66 -4.15 -5.22 -11.96
CA LEU A 66 -4.83 -4.14 -11.28
C LEU A 66 -4.94 -2.89 -12.13
N LEU A 67 -3.94 -2.64 -12.99
CA LEU A 67 -3.95 -1.38 -13.73
C LEU A 67 -4.20 -1.56 -15.23
N ASP A 68 -4.30 -2.80 -15.70
CA ASP A 68 -4.50 -3.11 -17.17
C ASP A 68 -3.39 -2.53 -18.00
N ILE A 69 -2.16 -2.79 -17.55
CA ILE A 69 -1.04 -2.38 -18.38
C ILE A 69 -0.24 -3.64 -18.66
N LYS A 70 0.81 -3.52 -19.47
CA LYS A 70 1.73 -4.61 -19.71
C LYS A 70 3.17 -4.07 -19.47
N LEU A 71 3.89 -4.78 -18.62
CA LEU A 71 5.23 -4.38 -18.25
C LEU A 71 6.28 -5.18 -18.99
N PRO A 72 7.48 -4.61 -19.17
CA PRO A 72 8.56 -5.35 -19.82
C PRO A 72 9.05 -6.48 -18.98
N GLU A 73 9.77 -7.41 -19.63
CA GLU A 73 10.26 -8.59 -18.88
C GLU A 73 11.30 -8.12 -17.88
N PRO A 74 11.35 -8.72 -16.71
CA PRO A 74 12.36 -8.34 -15.68
C PRO A 74 13.73 -8.60 -16.24
N ASP A 75 14.71 -7.79 -15.82
CA ASP A 75 16.06 -8.04 -16.22
C ASP A 75 16.75 -9.05 -15.37
N PHE A 76 16.24 -9.36 -14.18
CA PHE A 76 16.98 -10.36 -13.34
C PHE A 76 15.93 -11.25 -12.74
N ASN A 77 16.33 -12.50 -12.47
CA ASN A 77 15.44 -13.42 -11.79
C ASN A 77 15.38 -13.12 -10.31
N TYR A 78 14.19 -12.90 -9.76
CA TYR A 78 14.10 -12.62 -8.34
C TYR A 78 12.72 -13.00 -7.86
N LYS A 79 12.60 -13.80 -6.81
CA LYS A 79 11.33 -14.48 -6.46
C LYS A 79 10.29 -13.46 -5.92
N TYR A 80 10.75 -12.42 -5.26
CA TYR A 80 9.80 -11.65 -4.41
C TYR A 80 9.28 -10.39 -5.00
N ALA A 81 9.91 -9.96 -6.12
CA ALA A 81 9.53 -8.72 -6.73
C ALA A 81 10.06 -8.76 -8.20
N LYS A 82 9.36 -8.05 -9.09
CA LYS A 82 9.98 -7.78 -10.43
C LYS A 82 11.27 -6.97 -10.21
N ALA A 83 12.33 -7.33 -10.97
CA ALA A 83 13.70 -6.79 -10.79
C ALA A 83 14.23 -6.23 -12.11
N TYR A 84 14.37 -4.91 -12.18
CA TYR A 84 14.79 -4.22 -13.40
C TYR A 84 16.11 -3.49 -13.20
N SER A 85 16.82 -3.26 -14.29
CA SER A 85 17.86 -2.27 -14.19
C SER A 85 17.32 -0.87 -14.47
N GLU A 86 18.18 0.15 -14.39
CA GLU A 86 17.69 1.51 -14.42
C GLU A 86 16.80 1.88 -15.60
N GLU A 87 17.18 1.45 -16.81
CA GLU A 87 16.44 1.81 -18.00
C GLU A 87 15.03 1.37 -17.89
N LYS A 88 14.84 0.13 -17.45
CA LYS A 88 13.49 -0.37 -17.38
C LYS A 88 12.75 0.19 -16.18
N ASP A 89 13.45 0.51 -15.07
CA ASP A 89 12.72 1.12 -13.98
C ASP A 89 12.14 2.45 -14.41
N LEU A 90 12.92 3.23 -15.20
CA LEU A 90 12.38 4.53 -15.66
C LEU A 90 11.16 4.31 -16.58
N GLU A 91 11.22 3.30 -17.44
CA GLU A 91 10.09 3.00 -18.34
C GLU A 91 8.84 2.58 -17.49
N VAL A 92 9.06 1.78 -16.46
CA VAL A 92 7.94 1.18 -15.70
C VAL A 92 7.32 2.19 -14.81
N ALA A 93 8.13 3.05 -14.17
CA ALA A 93 7.52 4.11 -13.38
C ALA A 93 6.53 4.92 -14.22
N LYS A 94 6.90 5.23 -15.48
CA LYS A 94 6.03 6.03 -16.38
C LYS A 94 4.78 5.20 -16.73
N LEU A 95 4.99 3.92 -17.07
CA LEU A 95 3.83 3.10 -17.45
C LEU A 95 2.85 2.94 -16.30
N MET A 96 3.37 2.79 -15.06
CA MET A 96 2.48 2.67 -13.94
C MET A 96 1.73 3.97 -13.64
N ALA A 97 2.43 5.11 -13.69
CA ALA A 97 1.74 6.40 -13.45
C ALA A 97 0.63 6.62 -14.45
N GLU A 98 0.94 6.34 -15.72
CA GLU A 98 -0.04 6.50 -16.79
C GLU A 98 -1.22 5.56 -16.57
N GLY A 99 -0.96 4.29 -16.25
CA GLY A 99 -2.04 3.32 -16.07
C GLY A 99 -2.91 3.67 -14.88
N LEU A 100 -2.32 4.20 -13.81
CA LEU A 100 -3.10 4.63 -12.65
C LEU A 100 -4.03 5.74 -13.01
N LYS A 101 -3.51 6.69 -13.82
CA LYS A 101 -4.24 7.82 -14.13
C LYS A 101 -5.46 7.42 -14.96
N LYS A 102 -5.33 6.44 -15.85
CA LYS A 102 -6.46 5.99 -16.64
C LYS A 102 -7.42 5.19 -15.77
N LYS A 103 -6.89 4.34 -14.88
CA LYS A 103 -7.74 3.38 -14.15
C LYS A 103 -8.56 4.11 -13.11
N LEU A 104 -7.97 5.14 -12.46
CA LEU A 104 -8.65 5.82 -11.32
C LEU A 104 -9.03 7.28 -11.61
N ASN A 105 -8.65 7.81 -12.79
CA ASN A 105 -9.07 9.16 -13.15
C ASN A 105 -8.70 10.22 -12.11
N VAL A 106 -7.50 10.08 -11.55
CA VAL A 106 -7.05 11.06 -10.57
C VAL A 106 -6.33 12.25 -11.17
N ASN A 107 -6.20 13.33 -10.37
CA ASN A 107 -5.42 14.53 -10.81
C ASN A 107 -3.94 14.23 -10.87
N ILE A 108 -3.41 13.50 -9.88
CA ILE A 108 -1.97 13.26 -9.78
C ILE A 108 -1.74 11.76 -9.51
N SER A 109 -0.98 11.11 -10.41
CA SER A 109 -0.58 9.69 -10.20
C SER A 109 0.93 9.60 -10.03
N ILE A 110 1.33 8.69 -9.18
CA ILE A 110 2.75 8.59 -8.86
C ILE A 110 3.12 7.11 -9.03
N GLY A 111 4.15 6.82 -9.80
CA GLY A 111 4.70 5.44 -9.93
C GLY A 111 6.12 5.38 -9.39
N SER A 112 6.51 4.29 -8.71
CA SER A 112 7.93 4.16 -8.32
C SER A 112 8.40 2.71 -8.48
N THR A 113 9.66 2.57 -8.87
CA THR A 113 10.21 1.23 -8.99
C THR A 113 11.71 1.32 -8.96
N ALA A 114 12.33 0.30 -8.34
CA ALA A 114 13.86 0.27 -8.31
C ALA A 114 14.33 -1.15 -8.15
N GLY A 115 15.23 -1.54 -9.01
CA GLY A 115 15.75 -2.97 -8.98
C GLY A 115 17.19 -2.76 -8.64
N VAL A 116 18.02 -2.75 -9.68
CA VAL A 116 19.44 -2.51 -9.53
C VAL A 116 19.71 -1.09 -10.07
N GLY A 117 20.27 -0.21 -9.22
CA GLY A 117 20.59 1.17 -9.62
C GLY A 117 19.86 2.18 -8.76
N ARG A 118 19.59 3.37 -9.27
CA ARG A 118 18.97 4.45 -8.41
C ARG A 118 17.43 4.40 -8.38
N GLY A 119 16.82 3.52 -9.17
CA GLY A 119 15.35 3.56 -9.19
C GLY A 119 14.77 4.78 -9.89
N ALA A 120 13.45 4.86 -9.88
CA ALA A 120 12.75 5.87 -10.68
C ALA A 120 11.43 6.15 -10.04
N ILE A 121 11.10 7.44 -10.05
CA ILE A 121 9.78 7.93 -9.62
C ILE A 121 9.22 8.78 -10.70
N CYS A 122 7.94 8.51 -11.03
CA CYS A 122 7.24 9.34 -12.02
C CYS A 122 6.04 10.00 -11.34
N ILE A 123 5.95 11.31 -11.47
CA ILE A 123 4.76 12.03 -11.01
C ILE A 123 4.06 12.60 -12.23
N LEU A 124 2.81 12.19 -12.44
CA LEU A 124 2.05 12.56 -13.66
C LEU A 124 0.87 13.43 -13.18
N THR A 125 0.81 14.69 -13.59
CA THR A 125 -0.33 15.54 -13.21
C THR A 125 -1.26 15.68 -14.40
N ASP A 126 -2.25 16.55 -14.24
CA ASP A 126 -3.10 16.88 -15.36
C ASP A 126 -2.41 17.65 -16.44
N ASN A 127 -1.23 18.20 -16.13
CA ASN A 127 -0.56 19.17 -17.02
C ASN A 127 0.74 18.65 -17.56
N ASN A 128 1.45 17.86 -16.77
CA ASN A 128 2.87 17.55 -17.07
C ASN A 128 3.29 16.19 -16.51
N ARG A 129 4.40 15.63 -17.02
CA ARG A 129 4.92 14.39 -16.44
C ARG A 129 6.35 14.64 -15.97
N TYR A 130 6.68 14.24 -14.74
CA TYR A 130 7.97 14.47 -14.11
C TYR A 130 8.55 13.07 -13.87
N LEU A 131 9.85 12.89 -14.14
CA LEU A 131 10.44 11.56 -13.98
C LEU A 131 11.84 11.79 -13.44
N PHE A 132 12.16 11.16 -12.30
CA PHE A 132 13.50 11.42 -11.72
C PHE A 132 13.99 10.16 -11.03
N THR A 133 15.32 9.99 -10.88
CA THR A 133 15.89 8.89 -10.17
C THR A 133 16.12 9.29 -8.72
N SER A 134 16.34 8.31 -7.86
CA SER A 134 16.79 8.64 -6.50
C SER A 134 18.26 8.98 -6.56
N ASP A 135 18.82 9.40 -5.39
CA ASP A 135 20.27 9.65 -5.26
C ASP A 135 21.14 8.47 -4.94
N VAL A 136 20.52 7.32 -4.66
CA VAL A 136 21.21 6.19 -4.04
C VAL A 136 21.20 4.97 -4.97
N TYR A 137 22.41 4.48 -5.33
CA TYR A 137 22.50 3.21 -6.08
C TYR A 137 22.35 2.04 -5.08
N ALA A 138 21.45 1.11 -5.39
CA ALA A 138 21.23 -0.02 -4.48
C ALA A 138 20.86 -1.26 -5.34
N ASN A 139 20.65 -2.35 -4.60
CA ASN A 139 20.40 -3.62 -5.28
C ASN A 139 19.33 -4.42 -4.53
N LEU A 140 18.18 -4.56 -5.19
CA LEU A 140 16.95 -5.16 -4.64
C LEU A 140 17.25 -6.60 -4.25
N ILE A 141 18.11 -7.21 -5.00
CA ILE A 141 18.42 -8.65 -4.76
C ILE A 141 19.44 -8.87 -3.67
N THR A 142 20.54 -8.16 -3.68
CA THR A 142 21.58 -8.38 -2.63
C THR A 142 21.33 -7.64 -1.32
N PHE A 143 20.37 -6.71 -1.37
CA PHE A 143 19.99 -5.78 -0.29
C PHE A 143 21.01 -4.64 -0.12
N GLU A 144 21.99 -4.56 -1.00
CA GLU A 144 22.99 -3.51 -0.80
C GLU A 144 22.31 -2.14 -0.91
N ASN A 145 22.40 -1.34 0.17
CA ASN A 145 21.89 0.04 0.21
C ASN A 145 20.39 0.14 0.00
N ILE A 146 19.66 -0.97 0.20
CA ILE A 146 18.23 -0.87 -0.18
C ILE A 146 17.43 0.04 0.77
N LYS A 147 17.75 0.02 2.07
CA LYS A 147 16.96 0.90 3.01
C LYS A 147 17.30 2.37 2.74
N GLU A 148 18.56 2.65 2.45
CA GLU A 148 18.97 4.03 2.16
C GLU A 148 18.24 4.54 0.92
N ARG A 149 18.23 3.68 -0.11
CA ARG A 149 17.52 4.05 -1.36
C ARG A 149 16.03 4.29 -1.10
N GLN A 150 15.40 3.39 -0.35
CA GLN A 150 13.96 3.54 -0.01
C GLN A 150 13.71 4.88 0.66
N LYS A 151 14.47 5.23 1.71
CA LYS A 151 14.19 6.46 2.45
C LYS A 151 14.47 7.67 1.54
N ASN A 152 15.55 7.59 0.75
CA ASN A 152 15.84 8.73 -0.15
C ASN A 152 14.76 8.93 -1.19
N GLY A 153 14.26 7.81 -1.73
CA GLY A 153 13.18 7.84 -2.77
C GLY A 153 11.92 8.42 -2.17
N ILE A 154 11.54 8.01 -0.94
CA ILE A 154 10.34 8.59 -0.34
C ILE A 154 10.52 10.08 -0.17
N GLU A 155 11.65 10.53 0.39
CA GLU A 155 11.87 11.92 0.60
C GLU A 155 11.87 12.70 -0.70
N LYS A 156 12.52 12.15 -1.69
CA LYS A 156 12.60 12.92 -2.95
C LYS A 156 11.23 12.97 -3.64
N GLY A 157 10.51 11.85 -3.52
CA GLY A 157 9.14 11.79 -4.10
C GLY A 157 8.26 12.85 -3.47
N ILE A 158 8.32 12.96 -2.12
CA ILE A 158 7.44 13.92 -1.44
C ILE A 158 7.88 15.33 -1.73
N LYS A 159 9.22 15.60 -1.70
CA LYS A 159 9.70 16.96 -1.99
C LYS A 159 9.27 17.41 -3.34
N ARG A 160 9.40 16.51 -4.34
CA ARG A 160 8.99 16.89 -5.70
C ARG A 160 7.51 17.04 -5.77
N PHE A 161 6.75 16.15 -5.11
CA PHE A 161 5.30 16.24 -5.12
C PHE A 161 4.90 17.62 -4.58
N LEU A 162 5.51 18.05 -3.45
CA LEU A 162 5.10 19.33 -2.91
C LEU A 162 5.45 20.49 -3.85
N GLU A 163 6.61 20.44 -4.48
CA GLU A 163 6.95 21.48 -5.44
C GLU A 163 5.99 21.51 -6.59
N ILE A 164 5.68 20.34 -7.12
CA ILE A 164 4.73 20.23 -8.22
C ILE A 164 3.33 20.72 -7.87
N LEU A 165 2.82 20.29 -6.71
CA LEU A 165 1.49 20.68 -6.26
C LEU A 165 1.42 22.19 -6.15
N LYS A 166 2.43 22.81 -5.57
CA LYS A 166 2.40 24.24 -5.35
C LYS A 166 2.47 24.97 -6.72
N LYS A 167 3.37 24.53 -7.60
CA LYS A 167 3.52 25.12 -8.93
C LYS A 167 2.29 25.02 -9.78
N GLU A 168 1.69 23.83 -9.84
CA GLU A 168 0.59 23.59 -10.77
C GLU A 168 -0.79 23.84 -10.23
N TYR A 169 -0.96 23.72 -8.89
CA TYR A 169 -2.30 23.77 -8.31
C TYR A 169 -2.52 24.92 -7.34
N PHE A 170 -1.47 25.56 -6.80
CA PHE A 170 -1.60 26.71 -5.87
C PHE A 170 -0.78 27.87 -6.38
N MET B 4 4.94 -20.99 -5.06
CA MET B 4 4.96 -20.29 -3.73
C MET B 4 3.51 -19.99 -3.32
N ILE B 5 3.34 -19.61 -2.06
CA ILE B 5 2.00 -19.25 -1.59
C ILE B 5 1.85 -17.78 -1.92
N THR B 6 0.84 -17.41 -2.69
CA THR B 6 0.71 -15.96 -2.99
C THR B 6 -0.33 -15.28 -2.08
N VAL B 7 -0.01 -14.05 -1.72
CA VAL B 7 -0.84 -13.27 -0.80
C VAL B 7 -1.07 -11.91 -1.43
N ALA B 8 -2.27 -11.38 -1.27
CA ALA B 8 -2.49 -9.95 -1.59
C ALA B 8 -3.33 -9.33 -0.50
N THR B 9 -3.23 -8.02 -0.36
CA THR B 9 -4.00 -7.37 0.72
C THR B 9 -4.65 -6.10 0.21
N ALA B 10 -5.77 -5.75 0.83
CA ALA B 10 -6.47 -4.51 0.52
C ALA B 10 -6.79 -3.98 1.90
N GLU B 11 -6.05 -2.95 2.33
CA GLU B 11 -6.06 -2.54 3.74
C GLU B 11 -6.43 -1.08 3.84
N CYS B 12 -7.11 -0.73 4.90
CA CYS B 12 -7.40 0.68 5.16
C CYS B 12 -6.76 1.09 6.47
N PHE B 13 -7.39 0.77 7.59
CA PHE B 13 -6.79 1.26 8.84
C PHE B 13 -5.41 0.77 9.21
N THR B 14 -5.04 -0.40 8.69
CA THR B 14 -3.73 -0.97 8.94
C THR B 14 -2.68 -0.44 7.87
N HIS B 15 -3.04 0.43 6.97
CA HIS B 15 -2.06 1.23 6.17
C HIS B 15 -1.13 0.38 5.29
N ALA B 16 -1.65 -0.78 4.87
CA ALA B 16 -0.91 -1.76 4.04
C ALA B 16 0.18 -2.46 4.79
N ASN B 17 0.27 -2.21 6.12
CA ASN B 17 1.33 -2.82 6.87
CA ASN B 17 1.32 -2.81 6.89
C ASN B 17 1.24 -4.33 7.11
N ILE B 18 0.03 -4.92 7.03
CA ILE B 18 -0.05 -6.38 7.12
C ILE B 18 0.71 -6.96 5.92
N GLY B 19 0.32 -6.51 4.72
CA GLY B 19 0.98 -7.00 3.50
C GLY B 19 2.47 -6.61 3.42
N LEU B 20 2.82 -5.38 3.82
CA LEU B 20 4.22 -4.99 3.72
C LEU B 20 5.10 -5.82 4.70
N THR B 21 4.54 -6.09 5.89
CA THR B 21 5.28 -6.95 6.86
C THR B 21 5.46 -8.36 6.30
N ILE B 22 4.38 -8.89 5.72
CA ILE B 22 4.46 -10.25 5.11
C ILE B 22 5.59 -10.24 4.02
N HIS B 23 5.64 -9.18 3.22
CA HIS B 23 6.64 -9.12 2.18
C HIS B 23 8.08 -9.05 2.78
N LYS B 24 8.31 -8.20 3.77
CA LYS B 24 9.65 -8.07 4.32
C LYS B 24 10.08 -9.38 4.99
N ALA B 25 9.16 -10.05 5.73
CA ALA B 25 9.48 -11.38 6.29
C ALA B 25 9.80 -12.40 5.19
N ALA B 26 8.99 -12.43 4.14
CA ALA B 26 9.18 -13.43 3.08
C ALA B 26 10.50 -13.20 2.31
N ALA B 27 10.84 -11.91 2.07
CA ALA B 27 12.04 -11.57 1.30
C ALA B 27 13.28 -11.67 2.20
N GLY B 28 13.13 -11.99 3.47
CA GLY B 28 14.30 -12.18 4.35
C GLY B 28 14.95 -10.88 4.87
N TYR B 29 14.21 -9.80 5.01
CA TYR B 29 14.77 -8.59 5.63
C TYR B 29 15.29 -8.94 7.01
N GLU B 30 16.48 -8.41 7.30
CA GLU B 30 17.09 -8.67 8.61
C GLU B 30 16.40 -8.01 9.79
N ASP B 31 15.83 -6.83 9.56
CA ASP B 31 15.15 -6.07 10.59
C ASP B 31 13.96 -5.41 9.93
N PHE B 32 12.86 -5.48 10.64
CA PHE B 32 11.66 -4.75 10.22
C PHE B 32 10.72 -4.55 11.38
N GLU B 33 9.86 -3.55 11.27
CA GLU B 33 9.02 -3.12 12.38
C GLU B 33 8.30 -4.22 13.12
N PHE B 34 7.65 -5.13 12.44
CA PHE B 34 6.90 -6.11 13.26
C PHE B 34 7.52 -7.52 13.21
N LYS B 35 8.83 -7.55 13.07
CA LYS B 35 9.53 -8.81 13.09
C LYS B 35 9.38 -9.63 14.40
N TYR B 36 9.12 -8.95 15.50
CA TYR B 36 8.93 -9.61 16.79
C TYR B 36 7.76 -10.54 16.81
N LEU B 37 6.85 -10.40 15.85
CA LEU B 37 5.73 -11.32 15.76
C LEU B 37 6.08 -12.65 15.18
N PHE B 38 7.23 -12.77 14.54
CA PHE B 38 7.64 -14.02 13.87
C PHE B 38 8.66 -14.79 14.67
N SER B 39 8.41 -16.05 14.91
CA SER B 39 9.47 -16.87 15.45
C SER B 39 10.53 -17.19 14.36
N GLU B 40 11.70 -17.66 14.81
CA GLU B 40 12.69 -18.15 13.87
C GLU B 40 12.14 -19.22 12.87
N GLU B 41 11.30 -20.15 13.32
CA GLU B 41 10.69 -21.14 12.40
C GLU B 41 9.73 -20.44 11.46
N ASP B 42 8.96 -19.49 11.99
CA ASP B 42 8.04 -18.74 11.17
C ASP B 42 8.80 -18.09 10.00
N LEU B 43 9.95 -17.44 10.28
CA LEU B 43 10.67 -16.75 9.20
C LEU B 43 11.15 -17.74 8.15
N LYS B 44 11.50 -18.98 8.52
CA LYS B 44 11.78 -19.96 7.45
C LYS B 44 10.57 -20.32 6.61
N LEU B 45 9.43 -20.51 7.26
CA LEU B 45 8.21 -20.79 6.54
C LEU B 45 7.84 -19.64 5.60
N MET B 46 8.00 -18.42 6.09
CA MET B 46 7.69 -17.22 5.29
C MET B 46 8.43 -17.10 3.95
N LYS B 47 9.59 -17.78 3.83
CA LYS B 47 10.35 -17.68 2.54
C LYS B 47 9.53 -18.26 1.36
N ASN B 48 8.50 -19.03 1.69
CA ASN B 48 7.67 -19.71 0.67
C ASN B 48 6.43 -18.90 0.25
N VAL B 49 6.39 -17.67 0.72
CA VAL B 49 5.26 -16.78 0.50
C VAL B 49 5.74 -15.65 -0.44
N ARG B 50 4.89 -15.21 -1.34
CA ARG B 50 5.19 -14.07 -2.18
C ARG B 50 4.01 -13.12 -2.09
N VAL B 51 4.25 -11.81 -1.94
CA VAL B 51 3.18 -10.83 -1.97
C VAL B 51 2.96 -10.33 -3.39
N ILE B 52 1.73 -10.40 -3.88
CA ILE B 52 1.41 -9.90 -5.24
C ILE B 52 1.14 -8.38 -5.21
N SER B 53 0.31 -7.96 -4.23
CA SER B 53 0.09 -6.54 -4.05
C SER B 53 -0.36 -6.33 -2.57
N ALA B 54 0.02 -5.22 -1.97
CA ALA B 54 -0.60 -4.82 -0.68
C ALA B 54 -1.10 -3.39 -0.93
N MET B 55 -2.42 -3.14 -0.89
CA MET B 55 -2.91 -1.87 -1.32
C MET B 55 -3.56 -1.15 -0.17
N PHE B 56 -3.27 0.14 -0.03
CA PHE B 56 -3.98 1.00 0.92
C PHE B 56 -5.08 1.69 0.11
N VAL B 57 -6.32 1.45 0.50
CA VAL B 57 -7.45 1.86 -0.37
C VAL B 57 -8.53 2.59 0.42
N PRO B 58 -8.20 3.78 0.91
CA PRO B 58 -9.10 4.48 1.83
C PRO B 58 -10.41 4.94 1.18
N SER B 59 -10.49 5.01 -0.15
CA SER B 59 -11.70 5.57 -0.83
C SER B 59 -12.59 4.49 -1.38
N ILE B 60 -13.91 4.75 -1.28
CA ILE B 60 -14.88 3.75 -1.80
C ILE B 60 -14.63 3.61 -3.28
N ILE B 61 -14.41 4.71 -4.00
CA ILE B 61 -14.22 4.65 -5.42
C ILE B 61 -12.97 3.87 -5.84
N GLY B 62 -11.91 4.00 -5.06
CA GLY B 62 -10.72 3.23 -5.22
C GLY B 62 -10.99 1.72 -5.10
N VAL B 63 -11.60 1.30 -4.00
CA VAL B 63 -11.80 -0.14 -3.77
C VAL B 63 -12.66 -0.65 -4.97
N GLU B 64 -13.73 0.10 -5.25
CA GLU B 64 -14.73 -0.38 -6.23
C GLU B 64 -14.13 -0.56 -7.60
N LYS B 65 -13.30 0.43 -8.02
CA LYS B 65 -12.74 0.39 -9.38
C LYS B 65 -11.64 -0.61 -9.47
N LEU B 66 -10.81 -0.80 -8.42
CA LEU B 66 -9.66 -1.69 -8.52
C LEU B 66 -10.13 -3.11 -8.40
N LEU B 67 -11.26 -3.36 -7.68
CA LEU B 67 -11.67 -4.81 -7.45
C LEU B 67 -12.96 -5.19 -8.19
N ASP B 68 -13.60 -4.21 -8.85
CA ASP B 68 -14.83 -4.43 -9.63
C ASP B 68 -15.93 -4.95 -8.69
N ILE B 69 -16.03 -4.28 -7.56
CA ILE B 69 -17.09 -4.61 -6.58
C ILE B 69 -17.88 -3.34 -6.24
N LYS B 70 -18.96 -3.50 -5.48
CA LYS B 70 -19.66 -2.36 -4.93
C LYS B 70 -19.67 -2.48 -3.40
N LEU B 71 -19.38 -1.38 -2.74
CA LEU B 71 -19.44 -1.28 -1.31
C LEU B 71 -20.71 -0.55 -0.81
N PRO B 72 -21.08 -0.78 0.45
CA PRO B 72 -22.25 -0.01 0.98
C PRO B 72 -21.99 1.48 1.16
N GLU B 73 -23.04 2.30 1.19
CA GLU B 73 -22.82 3.72 1.49
C GLU B 73 -22.14 3.88 2.90
N PRO B 74 -21.23 4.87 3.02
CA PRO B 74 -20.59 5.17 4.33
C PRO B 74 -21.63 5.57 5.39
N ASP B 75 -21.31 5.29 6.65
CA ASP B 75 -22.19 5.70 7.72
C ASP B 75 -22.00 7.12 8.13
N PHE B 76 -20.84 7.69 7.83
CA PHE B 76 -20.51 9.04 8.32
C PHE B 76 -19.85 9.82 7.22
N ASN B 77 -20.06 11.14 7.27
CA ASN B 77 -19.38 12.04 6.34
C ASN B 77 -17.98 12.29 6.73
N TYR B 78 -17.03 11.95 5.85
CA TYR B 78 -15.57 12.18 6.21
C TYR B 78 -14.84 12.22 4.87
N LYS B 79 -14.03 13.26 4.66
CA LYS B 79 -13.49 13.58 3.33
C LYS B 79 -12.37 12.63 2.97
N TYR B 80 -11.64 12.12 3.95
CA TYR B 80 -10.34 11.54 3.57
C TYR B 80 -10.37 10.05 3.38
N ALA B 81 -11.51 9.43 3.76
CA ALA B 81 -11.59 7.97 3.71
C ALA B 81 -13.05 7.59 3.83
N LYS B 82 -13.41 6.44 3.25
CA LYS B 82 -14.72 5.89 3.66
C LYS B 82 -14.82 5.62 5.15
N ALA B 83 -15.98 5.99 5.72
CA ALA B 83 -16.18 5.92 7.16
C ALA B 83 -17.43 5.10 7.54
N TYR B 84 -17.19 3.94 8.11
CA TYR B 84 -18.25 3.00 8.48
C TYR B 84 -18.29 2.72 9.98
N SER B 85 -19.50 2.34 10.42
CA SER B 85 -19.76 1.66 11.69
C SER B 85 -19.15 0.26 11.63
N GLU B 86 -19.09 -0.39 12.80
CA GLU B 86 -18.45 -1.68 12.85
C GLU B 86 -19.18 -2.72 11.98
N GLU B 87 -20.52 -2.68 11.92
CA GLU B 87 -21.28 -3.68 11.19
C GLU B 87 -20.91 -3.64 9.71
N LYS B 88 -20.82 -2.40 9.16
CA LYS B 88 -20.41 -2.29 7.76
C LYS B 88 -18.92 -2.56 7.59
N ASP B 89 -18.08 -2.20 8.56
CA ASP B 89 -16.63 -2.59 8.45
C ASP B 89 -16.49 -4.11 8.28
N LEU B 90 -17.26 -4.88 9.05
CA LEU B 90 -17.22 -6.33 8.95
C LEU B 90 -17.68 -6.81 7.58
N GLU B 91 -18.69 -6.18 7.00
CA GLU B 91 -19.18 -6.51 5.65
C GLU B 91 -18.07 -6.14 4.61
N VAL B 92 -17.50 -4.97 4.73
CA VAL B 92 -16.55 -4.44 3.76
C VAL B 92 -15.27 -5.23 3.78
N ALA B 93 -14.78 -5.59 4.97
CA ALA B 93 -13.53 -6.44 4.98
C ALA B 93 -13.73 -7.75 4.21
N LYS B 94 -14.86 -8.42 4.41
CA LYS B 94 -15.19 -9.58 3.62
C LYS B 94 -15.28 -9.24 2.12
N LEU B 95 -16.04 -8.20 1.76
CA LEU B 95 -16.27 -7.91 0.34
C LEU B 95 -14.85 -7.66 -0.34
N MET B 96 -13.97 -6.92 0.34
CA MET B 96 -12.66 -6.65 -0.23
C MET B 96 -11.78 -7.91 -0.31
N ALA B 97 -11.79 -8.75 0.74
CA ALA B 97 -10.98 -9.98 0.67
C ALA B 97 -11.50 -10.89 -0.46
N GLU B 98 -12.78 -11.00 -0.59
CA GLU B 98 -13.37 -11.88 -1.68
C GLU B 98 -13.09 -11.29 -3.05
N GLY B 99 -13.22 -9.96 -3.19
CA GLY B 99 -12.98 -9.30 -4.50
C GLY B 99 -11.52 -9.40 -4.91
N LEU B 100 -10.61 -9.25 -3.95
CA LEU B 100 -9.20 -9.28 -4.24
C LEU B 100 -8.77 -10.71 -4.63
N LYS B 101 -9.33 -11.72 -3.99
CA LYS B 101 -8.92 -13.07 -4.30
C LYS B 101 -9.42 -13.37 -5.72
N LYS B 102 -10.62 -12.91 -6.12
CA LYS B 102 -11.05 -13.19 -7.49
C LYS B 102 -10.27 -12.36 -8.53
N LYS B 103 -9.87 -11.15 -8.17
CA LYS B 103 -9.14 -10.25 -9.10
C LYS B 103 -7.73 -10.74 -9.38
N LEU B 104 -7.08 -11.30 -8.38
CA LEU B 104 -5.67 -11.64 -8.51
C LEU B 104 -5.39 -13.15 -8.40
N ASN B 105 -6.42 -13.95 -8.15
CA ASN B 105 -6.26 -15.39 -8.04
C ASN B 105 -5.10 -15.79 -7.08
N VAL B 106 -5.06 -15.20 -5.90
CA VAL B 106 -4.04 -15.54 -4.94
C VAL B 106 -4.52 -16.62 -3.99
N ASN B 107 -3.57 -17.28 -3.31
CA ASN B 107 -3.90 -18.26 -2.30
C ASN B 107 -4.56 -17.62 -1.10
N ILE B 108 -4.07 -16.49 -0.67
CA ILE B 108 -4.52 -15.85 0.57
C ILE B 108 -4.75 -14.38 0.37
N SER B 109 -5.99 -13.95 0.67
CA SER B 109 -6.32 -12.49 0.49
CA SER B 109 -6.35 -12.56 0.47
C SER B 109 -6.70 -11.92 1.82
N ILE B 110 -6.28 -10.68 2.06
CA ILE B 110 -6.59 -10.07 3.35
C ILE B 110 -7.26 -8.73 3.12
N GLY B 111 -8.37 -8.44 3.82
CA GLY B 111 -8.96 -7.06 3.74
C GLY B 111 -9.01 -6.49 5.13
N SER B 112 -8.88 -5.18 5.27
CA SER B 112 -9.04 -4.59 6.62
C SER B 112 -9.73 -3.26 6.45
N THR B 113 -10.58 -2.92 7.42
CA THR B 113 -11.23 -1.59 7.38
C THR B 113 -11.69 -1.23 8.78
N ALA B 114 -11.59 0.05 9.16
CA ALA B 114 -12.09 0.42 10.51
C ALA B 114 -12.48 1.85 10.47
N GLY B 115 -13.69 2.13 10.87
CA GLY B 115 -14.14 3.55 10.92
C GLY B 115 -14.32 3.94 12.35
N VAL B 116 -15.57 3.80 12.83
CA VAL B 116 -15.89 4.06 14.25
C VAL B 116 -16.14 2.71 14.86
N GLY B 117 -15.35 2.35 15.89
CA GLY B 117 -15.51 1.04 16.56
C GLY B 117 -14.19 0.26 16.40
N ARG B 118 -14.29 -1.08 16.49
CA ARG B 118 -13.07 -1.94 16.50
C ARG B 118 -12.55 -2.30 15.13
N GLY B 119 -13.29 -1.98 14.08
CA GLY B 119 -12.83 -2.40 12.75
C GLY B 119 -12.92 -3.87 12.45
N ALA B 120 -12.35 -4.30 11.33
CA ALA B 120 -12.53 -5.68 10.85
C ALA B 120 -11.33 -6.05 9.99
N ILE B 121 -10.90 -7.29 10.14
CA ILE B 121 -9.87 -7.88 9.28
C ILE B 121 -10.45 -9.22 8.80
N CYS B 122 -10.34 -9.44 7.48
CA CYS B 122 -10.76 -10.72 6.90
C CYS B 122 -9.52 -11.34 6.31
N ILE B 123 -9.32 -12.62 6.60
CA ILE B 123 -8.26 -13.42 5.96
C ILE B 123 -8.96 -14.54 5.22
N LEU B 124 -8.83 -14.54 3.88
CA LEU B 124 -9.57 -15.54 3.07
C LEU B 124 -8.50 -16.42 2.42
N THR B 125 -8.55 -17.72 2.76
CA THR B 125 -7.59 -18.62 2.12
C THR B 125 -8.35 -19.46 1.07
N ASP B 126 -7.64 -20.36 0.39
CA ASP B 126 -8.22 -21.36 -0.46
C ASP B 126 -9.25 -22.25 0.23
N ASN B 127 -9.25 -22.30 1.58
CA ASN B 127 -10.00 -23.31 2.36
C ASN B 127 -11.08 -22.69 3.24
N ASN B 128 -10.82 -21.51 3.75
CA ASN B 128 -11.65 -20.97 4.83
C ASN B 128 -11.65 -19.50 4.82
N ARG B 129 -12.71 -18.89 5.36
CA ARG B 129 -12.66 -17.40 5.52
C ARG B 129 -12.71 -17.04 7.02
N TYR B 130 -11.71 -16.31 7.52
CA TYR B 130 -11.62 -15.86 8.88
C TYR B 130 -12.01 -14.38 8.94
N LEU B 131 -12.74 -14.00 9.98
CA LEU B 131 -13.14 -12.59 10.05
C LEU B 131 -13.22 -12.25 11.51
N PHE B 132 -12.57 -11.17 11.86
CA PHE B 132 -12.49 -10.78 13.27
C PHE B 132 -12.31 -9.23 13.38
N THR B 133 -12.70 -8.67 14.56
CA THR B 133 -12.56 -7.25 14.77
C THR B 133 -11.15 -7.07 15.34
N SER B 134 -10.65 -5.83 15.35
CA SER B 134 -9.45 -5.60 16.18
C SER B 134 -9.91 -5.63 17.65
N ASP B 135 -8.96 -5.44 18.55
CA ASP B 135 -9.31 -5.38 20.00
C ASP B 135 -9.40 -4.01 20.58
N VAL B 136 -9.43 -3.00 19.71
CA VAL B 136 -9.35 -1.59 20.17
C VAL B 136 -10.44 -0.78 19.54
N TYR B 137 -11.29 -0.24 20.40
CA TYR B 137 -12.34 0.71 19.91
C TYR B 137 -11.64 2.09 19.55
N ALA B 138 -11.88 2.66 18.37
CA ALA B 138 -11.30 3.99 18.01
C ALA B 138 -12.24 4.69 17.03
N ASN B 139 -11.87 5.90 16.66
CA ASN B 139 -12.72 6.73 15.85
C ASN B 139 -11.90 7.46 14.79
N LEU B 140 -12.10 7.00 13.55
CA LEU B 140 -11.30 7.47 12.37
C LEU B 140 -11.48 8.99 12.22
N ILE B 141 -12.66 9.51 12.57
CA ILE B 141 -12.94 10.94 12.36
C ILE B 141 -12.31 11.83 13.40
N THR B 142 -12.33 11.42 14.66
CA THR B 142 -11.82 12.30 15.75
C THR B 142 -10.31 12.00 16.00
N PHE B 143 -9.82 10.88 15.43
CA PHE B 143 -8.48 10.26 15.70
C PHE B 143 -8.39 9.61 17.06
N GLU B 144 -9.48 9.60 17.84
CA GLU B 144 -9.39 9.00 19.19
C GLU B 144 -8.96 7.53 19.10
N ASN B 145 -7.79 7.22 19.67
CA ASN B 145 -7.25 5.84 19.73
C ASN B 145 -6.93 5.24 18.40
N ILE B 146 -6.79 6.05 17.39
CA ILE B 146 -6.55 5.38 16.08
C ILE B 146 -5.16 4.74 15.98
N LYS B 147 -4.19 5.36 16.66
CA LYS B 147 -2.85 4.77 16.59
C LYS B 147 -2.81 3.35 17.25
N GLU B 148 -3.50 3.24 18.37
CA GLU B 148 -3.49 1.99 19.13
C GLU B 148 -4.30 0.97 18.34
N ARG B 149 -5.35 1.41 17.68
CA ARG B 149 -6.14 0.47 16.88
C ARG B 149 -5.35 -0.02 15.66
N GLN B 150 -4.53 0.85 15.12
CA GLN B 150 -3.74 0.47 13.95
C GLN B 150 -2.73 -0.56 14.36
N LYS B 151 -2.05 -0.31 15.50
CA LYS B 151 -1.00 -1.24 15.91
C LYS B 151 -1.62 -2.58 16.24
N ASN B 152 -2.76 -2.55 16.96
CA ASN B 152 -3.35 -3.85 17.36
C ASN B 152 -3.85 -4.58 16.11
N GLY B 153 -4.41 -3.83 15.16
CA GLY B 153 -4.93 -4.43 13.90
C GLY B 153 -3.79 -5.14 13.12
N ILE B 154 -2.61 -4.50 13.03
CA ILE B 154 -1.48 -5.10 12.34
C ILE B 154 -1.02 -6.32 13.11
N GLU B 155 -0.86 -6.20 14.46
CA GLU B 155 -0.40 -7.31 15.25
C GLU B 155 -1.34 -8.47 15.16
N LYS B 156 -2.62 -8.22 15.34
CA LYS B 156 -3.64 -9.32 15.34
C LYS B 156 -3.74 -9.93 13.95
N GLY B 157 -3.75 -9.09 12.94
CA GLY B 157 -3.73 -9.61 11.55
C GLY B 157 -2.55 -10.55 11.23
N ILE B 158 -1.33 -10.16 11.62
CA ILE B 158 -0.17 -10.99 11.40
C ILE B 158 -0.17 -12.22 12.27
N LYS B 159 -0.54 -12.06 13.54
CA LYS B 159 -0.53 -13.20 14.40
C LYS B 159 -1.53 -14.26 13.89
N ARG B 160 -2.72 -13.83 13.46
CA ARG B 160 -3.70 -14.76 12.87
C ARG B 160 -3.27 -15.34 11.56
N PHE B 161 -2.68 -14.47 10.72
CA PHE B 161 -2.17 -14.94 9.41
C PHE B 161 -1.15 -16.08 9.63
N LEU B 162 -0.23 -15.91 10.59
CA LEU B 162 0.77 -16.98 10.79
C LEU B 162 0.14 -18.23 11.27
N GLU B 163 -0.80 -18.11 12.21
CA GLU B 163 -1.47 -19.33 12.75
C GLU B 163 -2.20 -20.03 11.61
N ILE B 164 -2.92 -19.24 10.82
CA ILE B 164 -3.64 -19.81 9.65
C ILE B 164 -2.69 -20.40 8.60
N LEU B 165 -1.59 -19.72 8.32
CA LEU B 165 -0.68 -20.23 7.30
C LEU B 165 -0.12 -21.60 7.75
N LYS B 166 0.25 -21.69 9.03
CA LYS B 166 0.83 -22.95 9.54
C LYS B 166 -0.24 -24.07 9.53
N LYS B 167 -1.46 -23.74 10.01
CA LYS B 167 -2.54 -24.74 10.18
C LYS B 167 -2.92 -25.29 8.81
N GLU B 168 -3.08 -24.39 7.84
CA GLU B 168 -3.56 -24.74 6.51
C GLU B 168 -2.52 -25.13 5.44
N TYR B 169 -1.29 -24.61 5.53
CA TYR B 169 -0.33 -24.77 4.45
C TYR B 169 0.89 -25.52 4.90
N PHE B 170 1.10 -25.61 6.19
CA PHE B 170 2.26 -26.33 6.71
C PHE B 170 1.86 -27.41 7.73
#